data_8Q28
#
_entry.id   8Q28
#
_cell.length_a   48.004
_cell.length_b   75.443
_cell.length_c   69.751
_cell.angle_alpha   90.000
_cell.angle_beta   107.620
_cell.angle_gamma   90.000
#
_symmetry.space_group_name_H-M   'P 1 21 1'
#
loop_
_entity.id
_entity.type
_entity.pdbx_description
1 polymer 'Gluconolactonase domain protein'
2 non-polymer 'CALCIUM ION'
3 non-polymer 'MAGNESIUM ION'
4 non-polymer 1,2-ETHANEDIOL
5 water water
#
_entity_poly.entity_id   1
_entity_poly.type   'polypeptide(L)'
_entity_poly.pdbx_seq_one_letter_code
;GGSLINFTDGFESTGVNQQPSGWGNFVGWQSNNPNNNIGQSVYALVDNTRAFTGNNSVHFKGGAAPAQIVRTLPAGLDKV
YLKA(MSE)VY(MSE)SKKLGNEAGDNHEHIFGVRGNVAQADNEVRFGQIKGHVGTNE(MSE)PSDDISPPQSQWYSGPE
IAADTWHCVVVE(MSE)LGGNRPYHQLHAYLDNQLIHSIDSISDWNNGGVNGNTQWLDGKLNYAFFGWHSFSNNNADVW
(MSE)DDIEISDQPISCDSRELEHHHHHH
;
_entity_poly.pdbx_strand_id   A,B
#
loop_
_chem_comp.id
_chem_comp.type
_chem_comp.name
_chem_comp.formula
CA non-polymer 'CALCIUM ION' 'Ca 2'
EDO non-polymer 1,2-ETHANEDIOL 'C2 H6 O2'
MG non-polymer 'MAGNESIUM ION' 'Mg 2'
#
# COMPACT_ATOMS: atom_id res chain seq x y z
N SER A 3 19.65 -8.01 -29.84
CA SER A 3 18.32 -7.79 -29.20
C SER A 3 17.95 -8.97 -28.31
N LEU A 4 17.76 -8.67 -27.00
CA LEU A 4 17.60 -9.66 -25.94
C LEU A 4 16.12 -9.97 -25.68
N ILE A 5 15.17 -9.07 -26.03
CA ILE A 5 13.75 -9.42 -25.84
C ILE A 5 12.91 -8.78 -26.92
N ASN A 6 12.01 -9.60 -27.47
CA ASN A 6 11.01 -9.17 -28.43
C ASN A 6 9.76 -10.02 -28.16
N PHE A 7 8.91 -9.54 -27.26
CA PHE A 7 7.81 -10.30 -26.67
C PHE A 7 6.48 -9.61 -27.02
N THR A 8 5.46 -10.40 -27.41
CA THR A 8 4.10 -9.93 -27.61
C THR A 8 3.12 -10.89 -26.92
N ASP A 9 2.02 -10.35 -26.37
CA ASP A 9 0.99 -11.18 -25.74
C ASP A 9 -0.39 -10.56 -25.98
N GLY A 10 -1.31 -11.31 -26.61
CA GLY A 10 -2.68 -10.94 -26.90
C GLY A 10 -3.70 -11.61 -25.93
N PHE A 11 -3.16 -12.47 -25.07
CA PHE A 11 -3.89 -13.20 -24.03
C PHE A 11 -4.89 -14.22 -24.58
N GLU A 12 -4.77 -14.60 -25.86
CA GLU A 12 -5.80 -15.40 -26.49
C GLU A 12 -5.75 -16.84 -25.99
N SER A 13 -4.59 -17.33 -25.53
CA SER A 13 -4.45 -18.71 -25.15
C SER A 13 -4.77 -18.99 -23.67
N THR A 14 -4.99 -18.00 -22.82
CA THR A 14 -5.27 -18.28 -21.42
C THR A 14 -6.78 -18.32 -21.22
N GLY A 15 -7.24 -19.15 -20.28
CA GLY A 15 -8.66 -19.19 -19.91
C GLY A 15 -9.19 -17.90 -19.30
N VAL A 16 -10.44 -17.62 -19.56
CA VAL A 16 -11.07 -16.47 -18.94
C VAL A 16 -11.13 -16.66 -17.41
N ASN A 17 -10.85 -15.57 -16.68
CA ASN A 17 -10.80 -15.53 -15.21
C ASN A 17 -9.47 -16.07 -14.64
N GLN A 18 -8.47 -16.43 -15.47
CA GLN A 18 -7.20 -16.94 -14.98
C GLN A 18 -6.10 -15.89 -15.18
N GLN A 19 -5.07 -15.91 -14.33
CA GLN A 19 -3.92 -15.05 -14.53
C GLN A 19 -3.32 -15.37 -15.89
N PRO A 20 -2.92 -14.35 -16.71
CA PRO A 20 -2.21 -14.63 -17.97
C PRO A 20 -1.11 -15.68 -17.83
N SER A 21 -1.12 -16.69 -18.70
CA SER A 21 -0.05 -17.68 -18.66
C SER A 21 1.29 -17.02 -19.03
N GLY A 22 2.28 -17.36 -18.23
CA GLY A 22 3.61 -16.91 -18.51
C GLY A 22 3.97 -15.64 -17.81
N TRP A 23 3.00 -14.98 -17.13
CA TRP A 23 3.36 -13.82 -16.34
C TRP A 23 3.32 -14.19 -14.85
N GLY A 24 4.10 -13.43 -14.09
CA GLY A 24 3.95 -13.26 -12.65
C GLY A 24 2.88 -12.21 -12.34
N ASN A 25 2.68 -11.96 -11.07
CA ASN A 25 1.76 -10.94 -10.65
C ASN A 25 2.38 -10.12 -9.51
N PHE A 26 1.83 -8.91 -9.31
CA PHE A 26 2.02 -8.15 -8.08
C PHE A 26 0.65 -7.57 -7.75
N VAL A 27 -0.01 -8.25 -6.77
CA VAL A 27 -1.41 -8.00 -6.50
C VAL A 27 -1.58 -7.77 -5.00
N GLY A 28 -2.15 -6.63 -4.61
CA GLY A 28 -2.30 -6.31 -3.19
C GLY A 28 -0.96 -6.36 -2.47
N TRP A 29 0.10 -5.88 -3.12
CA TRP A 29 1.39 -5.53 -2.54
C TRP A 29 2.23 -6.78 -2.34
N GLN A 30 1.77 -7.88 -2.91
CA GLN A 30 2.50 -9.13 -2.82
C GLN A 30 2.87 -9.63 -4.22
N SER A 31 4.20 -9.87 -4.41
CA SER A 31 4.67 -10.61 -5.57
C SER A 31 4.14 -12.04 -5.59
N ASN A 32 3.59 -12.44 -6.75
CA ASN A 32 2.98 -13.74 -7.02
C ASN A 32 1.99 -14.16 -5.93
N ASN A 33 1.15 -13.19 -5.56
CA ASN A 33 0.05 -13.42 -4.66
C ASN A 33 -0.69 -14.66 -5.11
N PRO A 34 -0.87 -15.63 -4.20
CA PRO A 34 -1.53 -16.87 -4.59
C PRO A 34 -3.05 -16.77 -4.66
N ASN A 35 -3.59 -15.59 -4.32
CA ASN A 35 -5.03 -15.35 -4.30
C ASN A 35 -5.45 -14.35 -5.40
N ASN A 36 -4.76 -14.42 -6.51
CA ASN A 36 -5.16 -13.63 -7.67
C ASN A 36 -6.26 -14.42 -8.40
N ASN A 37 -7.53 -14.14 -8.08
CA ASN A 37 -8.68 -14.85 -8.64
C ASN A 37 -9.96 -14.04 -8.55
N ILE A 38 -10.99 -14.56 -9.25
CA ILE A 38 -12.19 -13.81 -9.53
C ILE A 38 -13.03 -13.54 -8.28
N GLY A 39 -12.74 -14.25 -7.20
CA GLY A 39 -13.48 -14.01 -5.96
C GLY A 39 -12.88 -12.88 -5.13
N GLN A 40 -11.85 -12.19 -5.61
CA GLN A 40 -11.24 -11.15 -4.80
C GLN A 40 -11.63 -9.80 -5.36
N SER A 41 -11.44 -8.78 -4.52
CA SER A 41 -11.71 -7.41 -4.89
C SER A 41 -10.55 -6.81 -5.73
N VAL A 42 -9.37 -7.41 -5.67
CA VAL A 42 -8.21 -6.87 -6.41
C VAL A 42 -7.59 -8.01 -7.21
N TYR A 43 -7.45 -7.87 -8.54
CA TYR A 43 -7.02 -8.97 -9.35
C TYR A 43 -6.49 -8.49 -10.73
N ALA A 44 -5.83 -9.46 -11.37
CA ALA A 44 -5.28 -9.35 -12.73
C ALA A 44 -5.55 -10.64 -13.50
N LEU A 45 -6.60 -10.64 -14.33
CA LEU A 45 -7.17 -11.85 -14.90
C LEU A 45 -7.65 -11.61 -16.34
N VAL A 46 -7.48 -12.63 -17.13
CA VAL A 46 -7.98 -12.66 -18.50
C VAL A 46 -9.47 -12.48 -18.55
N ASP A 47 -9.91 -11.62 -19.47
CA ASP A 47 -11.31 -11.30 -19.54
C ASP A 47 -11.69 -11.34 -21.04
N ASN A 48 -12.80 -12.02 -21.34
CA ASN A 48 -13.26 -12.14 -22.72
C ASN A 48 -14.42 -11.20 -23.00
N THR A 49 -14.62 -10.12 -22.21
CA THR A 49 -15.74 -9.22 -22.37
C THR A 49 -15.39 -7.88 -23.02
N ARG A 50 -14.08 -7.68 -23.19
CA ARG A 50 -13.56 -6.50 -23.86
C ARG A 50 -12.18 -6.90 -24.39
N ALA A 51 -11.82 -6.44 -25.59
CA ALA A 51 -10.54 -6.85 -26.20
C ALA A 51 -10.27 -5.92 -27.38
N PHE A 52 -9.00 -5.68 -27.72
CA PHE A 52 -8.72 -4.88 -28.90
C PHE A 52 -8.58 -5.78 -30.11
N THR A 53 -7.95 -6.94 -29.91
CA THR A 53 -7.83 -7.94 -30.96
C THR A 53 -8.23 -9.29 -30.40
N GLY A 54 -8.97 -10.07 -31.20
CA GLY A 54 -9.38 -11.39 -30.74
C GLY A 54 -10.44 -11.26 -29.64
N ASN A 55 -10.55 -12.29 -28.79
CA ASN A 55 -11.60 -12.33 -27.77
C ASN A 55 -11.14 -11.81 -26.40
N ASN A 56 -9.86 -11.84 -26.15
CA ASN A 56 -9.46 -11.70 -24.74
C ASN A 56 -8.60 -10.47 -24.49
N SER A 57 -8.64 -9.97 -23.28
CA SER A 57 -7.69 -8.99 -22.81
C SER A 57 -7.29 -9.45 -21.40
N VAL A 58 -6.40 -8.68 -20.79
CA VAL A 58 -6.22 -8.76 -19.33
C VAL A 58 -6.96 -7.60 -18.66
N HIS A 59 -7.69 -7.95 -17.57
CA HIS A 59 -8.45 -7.02 -16.77
C HIS A 59 -7.80 -6.85 -15.38
N PHE A 60 -7.44 -5.65 -15.10
CA PHE A 60 -6.86 -5.24 -13.80
C PHE A 60 -7.96 -4.59 -13.00
N LYS A 61 -8.24 -5.11 -11.78
CA LYS A 61 -9.19 -4.45 -10.88
C LYS A 61 -8.41 -4.13 -9.59
N GLY A 62 -8.21 -2.85 -9.34
CA GLY A 62 -7.43 -2.45 -8.16
C GLY A 62 -7.64 -0.99 -7.79
N GLY A 63 -6.69 -0.44 -7.03
CA GLY A 63 -6.77 0.90 -6.55
C GLY A 63 -5.51 1.29 -5.81
N ALA A 64 -5.71 1.78 -4.59
CA ALA A 64 -4.62 1.89 -3.64
C ALA A 64 -3.86 0.60 -3.65
N ALA A 65 -4.54 -0.54 -3.57
CA ALA A 65 -3.91 -1.83 -3.71
C ALA A 65 -3.65 -2.17 -5.19
N PRO A 66 -2.40 -2.47 -5.59
CA PRO A 66 -2.06 -2.59 -6.99
C PRO A 66 -2.53 -3.94 -7.51
N ALA A 67 -2.81 -3.96 -8.82
CA ALA A 67 -3.17 -5.15 -9.55
C ALA A 67 -2.32 -5.15 -10.81
N GLN A 68 -1.32 -6.06 -10.86
CA GLN A 68 -0.32 -6.00 -11.95
C GLN A 68 0.04 -7.41 -12.38
N ILE A 69 0.38 -7.48 -13.67
CA ILE A 69 1.17 -8.60 -14.19
C ILE A 69 2.62 -8.14 -14.36
N VAL A 70 3.53 -9.15 -14.30
CA VAL A 70 4.98 -8.90 -14.13
C VAL A 70 5.72 -9.86 -15.02
N ARG A 71 6.64 -9.31 -15.82
CA ARG A 71 7.53 -10.10 -16.64
C ARG A 71 8.99 -9.86 -16.25
N THR A 72 9.77 -10.97 -16.19
CA THR A 72 11.19 -10.88 -15.88
C THR A 72 11.94 -10.44 -17.15
N LEU A 73 12.82 -9.47 -17.05
CA LEU A 73 13.53 -8.99 -18.21
C LEU A 73 14.91 -9.65 -18.25
N PRO A 74 15.55 -9.80 -19.44
CA PRO A 74 16.91 -10.36 -19.50
C PRO A 74 17.94 -9.49 -18.78
N ALA A 75 19.03 -10.12 -18.32
CA ALA A 75 20.05 -9.35 -17.66
C ALA A 75 20.73 -8.44 -18.68
N GLY A 76 21.19 -7.29 -18.14
CA GLY A 76 22.03 -6.31 -18.79
C GLY A 76 21.36 -5.42 -19.85
N LEU A 77 20.04 -5.22 -19.79
CA LEU A 77 19.43 -4.30 -20.74
C LEU A 77 19.95 -2.89 -20.48
N ASP A 78 20.13 -2.14 -21.56
CA ASP A 78 20.48 -0.73 -21.42
C ASP A 78 19.27 0.15 -21.70
N LYS A 79 18.26 -0.44 -22.35
CA LYS A 79 17.03 0.28 -22.69
C LYS A 79 15.86 -0.68 -22.74
N VAL A 80 14.62 -0.16 -22.64
CA VAL A 80 13.48 -1.05 -22.84
C VAL A 80 12.29 -0.23 -23.33
N TYR A 81 11.46 -0.88 -24.14
CA TYR A 81 10.22 -0.32 -24.67
C TYR A 81 9.06 -1.15 -24.14
N LEU A 82 8.07 -0.48 -23.50
CA LEU A 82 6.84 -1.11 -23.01
C LEU A 82 5.67 -0.54 -23.83
N LYS A 83 4.81 -1.41 -24.30
CA LYS A 83 3.74 -1.04 -25.24
C LYS A 83 2.48 -1.86 -24.90
N ALA A 84 1.30 -1.21 -24.96
CA ALA A 84 0.03 -1.92 -24.86
C ALA A 84 -1.14 -1.06 -25.35
N MSE A 85 -2.19 -1.78 -25.79
CA MSE A 85 -3.52 -1.20 -25.98
C MSE A 85 -4.16 -1.13 -24.60
O MSE A 85 -3.99 -2.09 -23.83
CB MSE A 85 -4.32 -2.05 -26.96
CG MSE A 85 -3.67 -2.31 -28.33
SE MSE A 85 -3.28 -0.59 -29.23
CE MSE A 85 -5.05 0.34 -29.01
H MSE A 85 -2.07 -2.66 -25.98
HA MSE A 85 -3.42 -0.29 -26.34
HB2 MSE A 85 -5.16 -1.62 -27.11
HB3 MSE A 85 -4.51 -2.89 -26.56
HG2 MSE A 85 -4.27 -2.84 -28.90
HG3 MSE A 85 -2.84 -2.82 -28.22
HE1 MSE A 85 -5.01 1.20 -29.46
HE2 MSE A 85 -5.23 0.47 -28.07
HE3 MSE A 85 -5.74 -0.21 -29.41
N VAL A 86 -4.64 0.04 -24.19
CA VAL A 86 -5.03 0.34 -22.85
C VAL A 86 -6.44 0.95 -22.89
N TYR A 87 -7.31 0.51 -21.97
CA TYR A 87 -8.70 0.97 -21.88
C TYR A 87 -9.02 1.11 -20.40
N MSE A 88 -9.28 2.33 -19.96
CA MSE A 88 -9.34 2.62 -18.54
C MSE A 88 -10.72 3.17 -18.13
O MSE A 88 -11.28 4.00 -18.84
CB MSE A 88 -8.27 3.65 -18.17
CG MSE A 88 -6.84 3.27 -18.62
SE MSE A 88 -5.59 4.53 -18.02
CE MSE A 88 -6.33 6.20 -18.88
H MSE A 88 -9.43 3.00 -20.56
HA MSE A 88 -9.17 1.79 -18.04
HB2 MSE A 88 -8.26 3.76 -17.22
HB3 MSE A 88 -8.50 4.48 -18.57
HG2 MSE A 88 -6.81 3.22 -19.59
HG3 MSE A 88 -6.60 2.38 -18.25
HE1 MSE A 88 -5.74 6.95 -18.67
HE2 MSE A 88 -7.21 6.38 -18.53
HE3 MSE A 88 -6.38 6.08 -19.84
N SER A 89 -11.17 2.80 -16.90
CA SER A 89 -12.42 3.32 -16.30
C SER A 89 -12.33 4.82 -15.97
N LYS A 90 -11.14 5.38 -15.81
CA LYS A 90 -11.00 6.81 -15.54
C LYS A 90 -9.85 7.33 -16.41
N LYS A 91 -9.61 8.63 -16.40
CA LYS A 91 -8.54 9.23 -17.16
C LYS A 91 -7.23 9.36 -16.41
N LEU A 92 -6.17 9.68 -17.20
CA LEU A 92 -4.95 10.19 -16.64
C LEU A 92 -4.66 11.55 -17.30
N GLY A 93 -4.11 12.46 -16.52
CA GLY A 93 -3.74 13.79 -16.99
C GLY A 93 -4.87 14.80 -16.77
N ASN A 94 -4.44 16.02 -16.43
CA ASN A 94 -5.34 17.16 -16.29
C ASN A 94 -6.45 16.86 -15.26
N GLU A 95 -6.02 16.38 -14.09
CA GLU A 95 -6.92 15.88 -13.06
C GLU A 95 -6.58 16.57 -11.74
N ALA A 96 -7.54 17.41 -11.24
CA ALA A 96 -7.33 18.12 -9.99
C ALA A 96 -7.33 17.12 -8.82
N GLY A 97 -6.47 17.44 -7.84
CA GLY A 97 -6.33 16.76 -6.57
C GLY A 97 -5.55 15.44 -6.65
N ASP A 98 -5.01 15.05 -7.83
CA ASP A 98 -4.25 13.80 -7.94
C ASP A 98 -2.91 13.89 -7.17
N ASN A 99 -2.53 12.75 -6.59
CA ASN A 99 -1.24 12.54 -5.99
C ASN A 99 -0.29 11.92 -7.05
N HIS A 100 -0.52 10.64 -7.39
CA HIS A 100 0.04 10.02 -8.60
C HIS A 100 -0.58 8.64 -8.76
N GLU A 101 -0.70 8.21 -10.03
CA GLU A 101 -1.22 6.91 -10.45
C GLU A 101 -0.38 6.33 -11.61
N HIS A 102 -0.23 5.00 -11.69
CA HIS A 102 0.47 4.49 -12.87
C HIS A 102 -0.07 3.20 -13.45
N ILE A 103 0.15 3.05 -14.77
CA ILE A 103 -0.22 1.86 -15.51
C ILE A 103 0.98 0.99 -15.94
N PHE A 104 2.09 1.65 -16.28
CA PHE A 104 3.29 0.93 -16.77
C PHE A 104 4.45 1.14 -15.80
N GLY A 105 5.40 0.19 -15.76
CA GLY A 105 6.60 0.47 -15.01
C GLY A 105 7.66 -0.64 -15.14
N VAL A 106 8.82 -0.36 -14.53
CA VAL A 106 9.86 -1.36 -14.37
C VAL A 106 10.31 -1.30 -12.92
N ARG A 107 10.76 -2.44 -12.40
CA ARG A 107 11.23 -2.49 -11.01
C ARG A 107 12.49 -3.36 -10.91
N GLY A 108 13.29 -3.05 -9.86
CA GLY A 108 14.57 -3.74 -9.70
C GLY A 108 14.48 -5.01 -8.87
N ASN A 109 13.53 -5.04 -7.89
CA ASN A 109 13.37 -6.17 -6.99
C ASN A 109 11.89 -6.62 -7.05
N VAL A 110 11.63 -7.88 -7.29
CA VAL A 110 10.28 -8.40 -7.51
C VAL A 110 9.34 -8.26 -6.30
N ALA A 111 9.92 -8.21 -5.08
CA ALA A 111 9.17 -8.23 -3.82
C ALA A 111 8.56 -6.89 -3.47
N GLN A 112 9.00 -5.80 -4.08
CA GLN A 112 8.80 -4.48 -3.56
C GLN A 112 8.33 -3.48 -4.62
N ALA A 113 7.49 -2.52 -4.25
CA ALA A 113 7.17 -1.40 -5.14
C ALA A 113 7.99 -0.15 -4.85
N ASP A 114 9.16 -0.42 -4.32
CA ASP A 114 9.98 0.44 -3.51
C ASP A 114 11.09 1.07 -4.32
N ASN A 115 11.37 0.34 -5.43
CA ASN A 115 12.52 0.57 -6.31
C ASN A 115 12.06 0.41 -7.78
N GLU A 116 11.54 1.48 -8.33
CA GLU A 116 10.82 1.31 -9.60
C GLU A 116 10.55 2.63 -10.23
N VAL A 117 10.20 2.58 -11.54
CA VAL A 117 9.84 3.75 -12.29
C VAL A 117 8.39 3.54 -12.75
N ARG A 118 7.57 4.54 -12.55
CA ARG A 118 6.11 4.43 -12.59
C ARG A 118 5.56 5.46 -13.57
N PHE A 119 5.01 4.98 -14.70
CA PHE A 119 4.46 5.91 -15.66
C PHE A 119 2.94 5.84 -15.67
N GLY A 120 2.42 7.06 -15.60
CA GLY A 120 1.01 7.33 -15.79
C GLY A 120 0.70 8.82 -15.61
N GLN A 121 0.37 9.25 -14.36
CA GLN A 121 0.27 10.68 -14.02
C GLN A 121 0.91 10.91 -12.63
N ILE A 122 1.47 12.10 -12.48
CA ILE A 122 1.93 12.64 -11.21
C ILE A 122 1.22 13.98 -11.03
N LYS A 123 0.73 14.23 -9.81
CA LYS A 123 0.07 15.49 -9.53
C LYS A 123 -0.71 15.97 -10.71
N GLY A 124 -1.54 15.05 -11.19
CA GLY A 124 -2.49 15.34 -12.21
C GLY A 124 -1.98 15.79 -13.57
N HIS A 125 -0.69 15.54 -13.85
CA HIS A 125 -0.17 15.62 -15.22
C HIS A 125 0.43 14.26 -15.65
N VAL A 126 0.18 13.86 -16.89
CA VAL A 126 0.84 12.63 -17.42
C VAL A 126 2.33 12.70 -17.11
N GLY A 127 2.96 11.62 -16.65
CA GLY A 127 4.32 11.70 -16.17
C GLY A 127 4.68 10.55 -15.26
N THR A 128 5.77 10.75 -14.51
CA THR A 128 6.59 9.68 -13.98
C THR A 128 6.95 9.98 -12.53
N ASN A 129 6.89 8.91 -11.74
CA ASN A 129 7.32 8.83 -10.32
C ASN A 129 8.41 7.78 -10.23
N GLU A 130 9.52 8.16 -9.54
CA GLU A 130 10.56 7.21 -9.26
C GLU A 130 10.58 6.90 -7.78
N MSE A 131 10.72 5.64 -7.47
CA MSE A 131 11.02 5.23 -6.11
C MSE A 131 12.43 4.67 -6.14
O MSE A 131 12.77 3.88 -7.03
CB MSE A 131 10.03 4.18 -5.57
CG MSE A 131 8.74 4.82 -5.12
SE MSE A 131 8.85 6.10 -3.60
CE MSE A 131 9.07 4.65 -2.34
HA MSE A 131 11.00 6.02 -5.53
HB2 MSE A 131 10.41 3.74 -4.83
HB3 MSE A 131 9.84 3.55 -6.25
HG2 MSE A 131 8.11 4.10 -4.87
HG3 MSE A 131 8.34 5.29 -5.89
HE1 MSE A 131 9.14 5.01 -1.45
HE2 MSE A 131 9.87 4.15 -2.56
HE3 MSE A 131 8.30 4.06 -2.40
N PRO A 132 13.28 4.87 -5.09
CA PRO A 132 12.91 5.44 -3.79
C PRO A 132 12.96 6.93 -3.51
N SER A 133 13.44 7.69 -4.49
CA SER A 133 13.50 9.13 -4.41
C SER A 133 12.13 9.74 -4.10
N ASP A 134 11.10 9.17 -4.70
CA ASP A 134 9.73 9.65 -4.70
C ASP A 134 9.66 10.94 -5.50
N ASP A 135 10.70 11.18 -6.34
CA ASP A 135 10.73 12.37 -7.15
C ASP A 135 9.72 12.16 -8.29
N ILE A 136 9.24 13.28 -8.88
CA ILE A 136 8.21 13.30 -9.88
C ILE A 136 8.57 14.19 -11.06
N SER A 137 8.04 13.79 -12.23
CA SER A 137 8.27 14.64 -13.39
C SER A 137 6.98 14.70 -14.19
N PRO A 138 6.49 15.85 -14.71
CA PRO A 138 7.17 17.16 -14.71
C PRO A 138 7.13 17.97 -13.41
N PRO A 139 7.75 19.19 -13.38
CA PRO A 139 7.74 20.01 -12.18
C PRO A 139 6.44 20.76 -11.94
N GLN A 140 6.36 21.35 -10.72
CA GLN A 140 5.12 21.84 -10.11
C GLN A 140 4.31 22.73 -11.02
N SER A 141 5.06 23.63 -11.64
CA SER A 141 4.68 24.42 -12.78
C SER A 141 3.61 23.80 -13.67
N GLN A 142 3.62 22.47 -13.92
CA GLN A 142 2.79 21.83 -14.94
C GLN A 142 1.65 21.00 -14.36
N TRP A 143 1.62 20.91 -13.03
CA TRP A 143 0.70 20.02 -12.34
C TRP A 143 -0.73 20.41 -12.62
N TYR A 144 -1.60 19.39 -12.59
CA TYR A 144 -3.04 19.53 -12.74
C TYR A 144 -3.27 20.26 -14.06
N SER A 145 -2.60 19.81 -15.11
CA SER A 145 -2.76 20.32 -16.47
C SER A 145 -2.37 19.26 -17.53
N GLY A 146 -2.57 19.63 -18.78
CA GLY A 146 -1.79 19.06 -19.88
C GLY A 146 -2.58 17.98 -20.62
N PRO A 147 -1.91 17.15 -21.42
CA PRO A 147 -2.68 16.20 -22.23
C PRO A 147 -3.33 15.16 -21.31
N GLU A 148 -4.43 14.65 -21.86
CA GLU A 148 -5.33 13.73 -21.25
C GLU A 148 -5.23 12.42 -21.99
N ILE A 149 -5.19 11.36 -21.19
CA ILE A 149 -5.51 10.04 -21.67
C ILE A 149 -6.90 9.69 -21.18
N ALA A 150 -7.87 9.78 -22.11
CA ALA A 150 -9.29 9.70 -21.79
C ALA A 150 -9.72 8.33 -21.26
N ALA A 151 -10.72 8.36 -20.38
CA ALA A 151 -11.40 7.12 -20.02
C ALA A 151 -12.19 6.53 -21.19
N ASP A 152 -12.54 5.24 -21.08
CA ASP A 152 -13.58 4.58 -21.83
C ASP A 152 -13.29 4.54 -23.36
N THR A 153 -12.02 4.41 -23.74
CA THR A 153 -11.64 4.26 -25.13
C THR A 153 -10.28 3.58 -25.18
N TRP A 154 -9.95 2.97 -26.35
CA TRP A 154 -8.72 2.21 -26.47
C TRP A 154 -7.61 3.15 -26.89
N HIS A 155 -6.44 3.05 -26.23
CA HIS A 155 -5.28 3.87 -26.50
C HIS A 155 -4.04 3.01 -26.82
N CYS A 156 -3.18 3.47 -27.73
CA CYS A 156 -1.91 2.76 -28.01
C CYS A 156 -0.78 3.50 -27.30
N VAL A 157 -0.36 2.94 -26.17
CA VAL A 157 0.59 3.67 -25.29
C VAL A 157 1.96 2.98 -25.40
N VAL A 158 3.00 3.76 -25.65
CA VAL A 158 4.39 3.31 -25.66
C VAL A 158 5.27 4.14 -24.73
N VAL A 159 6.05 3.45 -23.92
CA VAL A 159 7.03 4.10 -23.09
C VAL A 159 8.41 3.58 -23.49
N GLU A 160 9.28 4.51 -23.86
CA GLU A 160 10.68 4.31 -24.13
C GLU A 160 11.57 4.80 -22.96
N MSE A 161 12.39 3.89 -22.46
CA MSE A 161 13.34 4.13 -21.37
C MSE A 161 14.74 3.83 -21.86
O MSE A 161 15.08 2.71 -22.30
CB MSE A 161 12.99 3.22 -20.18
CG MSE A 161 11.57 3.40 -19.71
SE MSE A 161 11.31 2.48 -18.01
CE MSE A 161 9.32 2.61 -17.84
H MSE A 161 12.37 3.04 -22.82
HA MSE A 161 13.27 5.07 -21.10
HB2 MSE A 161 13.57 3.41 -19.45
HB3 MSE A 161 13.11 2.31 -20.42
HG2 MSE A 161 10.96 3.03 -20.37
HG3 MSE A 161 11.38 4.35 -19.60
HE1 MSE A 161 9.04 2.19 -17.01
HE2 MSE A 161 8.90 2.17 -18.58
HE3 MSE A 161 9.07 3.55 -17.82
N LEU A 162 15.53 4.90 -21.90
CA LEU A 162 16.90 4.91 -22.42
C LEU A 162 17.92 5.07 -21.29
N GLY A 163 18.53 3.96 -20.91
CA GLY A 163 19.52 3.93 -19.82
C GLY A 163 20.94 3.72 -20.36
N GLY A 164 21.75 3.00 -19.57
CA GLY A 164 23.03 2.49 -20.02
C GLY A 164 24.05 3.64 -20.04
N ASN A 165 24.96 3.58 -21.00
CA ASN A 165 26.08 4.53 -21.05
C ASN A 165 25.69 5.74 -21.88
N ARG A 166 24.98 6.65 -21.22
CA ARG A 166 24.65 7.93 -21.79
C ARG A 166 24.66 8.93 -20.64
N PRO A 167 24.97 10.20 -20.92
CA PRO A 167 25.16 11.15 -19.84
C PRO A 167 23.99 11.50 -18.93
N TYR A 168 22.77 11.42 -19.47
CA TYR A 168 21.57 11.48 -18.64
C TYR A 168 20.47 10.51 -19.15
N HIS A 169 19.92 9.69 -18.24
CA HIS A 169 18.93 8.68 -18.59
C HIS A 169 17.62 9.37 -18.95
N GLN A 170 16.94 8.81 -19.97
CA GLN A 170 15.79 9.43 -20.55
C GLN A 170 14.59 8.48 -20.52
N LEU A 171 13.41 9.14 -20.60
CA LEU A 171 12.15 8.45 -20.76
C LEU A 171 11.28 9.32 -21.62
N HIS A 172 10.61 8.69 -22.60
CA HIS A 172 9.66 9.33 -23.48
C HIS A 172 8.43 8.46 -23.55
N ALA A 173 7.28 9.11 -23.38
CA ALA A 173 6.02 8.44 -23.49
C ALA A 173 5.21 8.98 -24.65
N TYR A 174 4.52 8.07 -25.31
CA TYR A 174 3.83 8.32 -26.55
C TYR A 174 2.44 7.74 -26.41
N LEU A 175 1.51 8.51 -26.94
CA LEU A 175 0.12 8.13 -27.09
C LEU A 175 -0.30 8.16 -28.56
N ASP A 176 -0.65 7.01 -29.07
CA ASP A 176 -0.97 6.89 -30.51
C ASP A 176 0.13 7.54 -31.37
N ASN A 177 1.37 7.23 -31.00
CA ASN A 177 2.60 7.66 -31.69
C ASN A 177 2.91 9.15 -31.46
N GLN A 178 2.09 9.90 -30.70
CA GLN A 178 2.43 11.30 -30.42
C GLN A 178 3.15 11.38 -29.08
N LEU A 179 4.26 12.17 -29.05
CA LEU A 179 5.03 12.34 -27.86
C LEU A 179 4.18 13.12 -26.85
N ILE A 180 4.00 12.60 -25.61
CA ILE A 180 3.22 13.31 -24.57
C ILE A 180 3.99 13.66 -23.31
N HIS A 181 5.17 13.07 -23.08
CA HIS A 181 5.89 13.31 -21.86
C HIS A 181 7.34 12.92 -22.13
N SER A 182 8.27 13.72 -21.65
CA SER A 182 9.70 13.43 -21.77
C SER A 182 10.46 13.80 -20.50
N ILE A 183 11.46 12.99 -20.18
CA ILE A 183 12.46 13.33 -19.20
C ILE A 183 13.80 13.22 -19.91
N ASP A 184 14.48 14.37 -20.10
CA ASP A 184 15.81 14.28 -20.70
C ASP A 184 16.84 15.20 -20.06
N SER A 185 16.49 15.91 -18.98
CA SER A 185 17.52 16.55 -18.16
C SER A 185 17.03 16.71 -16.72
N ILE A 186 17.92 17.19 -15.86
CA ILE A 186 17.65 17.07 -14.44
C ILE A 186 16.59 18.08 -14.04
N SER A 187 16.45 19.14 -14.83
CA SER A 187 15.44 20.13 -14.54
C SER A 187 14.01 19.63 -14.79
N ASP A 188 13.87 18.43 -15.37
CA ASP A 188 12.52 17.95 -15.70
C ASP A 188 11.83 17.37 -14.45
N TRP A 189 12.60 17.18 -13.40
CA TRP A 189 12.11 16.59 -12.15
C TRP A 189 11.79 17.70 -11.14
N ASN A 190 10.89 17.43 -10.20
CA ASN A 190 10.46 18.47 -9.29
C ASN A 190 11.40 18.64 -8.10
N ASN A 191 11.96 17.57 -7.58
CA ASN A 191 12.54 17.55 -6.24
C ASN A 191 14.05 17.36 -6.33
N GLY A 192 14.64 18.00 -7.36
CA GLY A 192 16.08 18.06 -7.51
C GLY A 192 16.64 16.84 -8.24
N GLY A 193 15.78 16.13 -8.99
CA GLY A 193 16.28 15.18 -9.97
C GLY A 193 16.75 13.84 -9.43
N VAL A 194 15.89 13.13 -8.70
CA VAL A 194 16.22 11.79 -8.24
C VAL A 194 17.50 11.88 -7.40
N ASN A 195 17.60 12.95 -6.61
CA ASN A 195 18.68 13.11 -5.64
C ASN A 195 20.02 13.17 -6.35
N GLY A 196 20.06 13.97 -7.40
CA GLY A 196 21.30 14.16 -8.12
C GLY A 196 21.64 13.04 -9.13
N ASN A 197 20.91 11.92 -9.17
CA ASN A 197 21.37 10.76 -9.93
C ASN A 197 21.00 10.82 -11.42
N THR A 198 22.02 11.07 -12.27
CA THR A 198 21.84 11.22 -13.72
C THR A 198 21.53 9.87 -14.37
N GLN A 199 21.96 8.78 -13.73
CA GLN A 199 21.86 7.45 -14.28
C GLN A 199 20.67 6.74 -13.61
N TRP A 200 19.55 7.39 -13.57
CA TRP A 200 18.45 6.99 -12.69
C TRP A 200 17.74 5.72 -13.15
N LEU A 201 18.00 5.16 -14.35
CA LEU A 201 17.46 3.84 -14.66
C LEU A 201 18.36 2.67 -14.23
N ASP A 202 19.55 2.94 -13.64
CA ASP A 202 20.43 1.83 -13.21
C ASP A 202 19.73 0.98 -12.15
N GLY A 203 19.77 -0.32 -12.42
CA GLY A 203 19.25 -1.37 -11.58
C GLY A 203 17.72 -1.43 -11.60
N LYS A 204 17.07 -0.66 -12.49
CA LYS A 204 15.60 -0.61 -12.60
C LYS A 204 15.05 -1.62 -13.60
N LEU A 205 15.90 -2.12 -14.54
CA LEU A 205 15.38 -2.80 -15.72
C LEU A 205 15.40 -4.30 -15.55
N ASN A 206 14.87 -4.82 -14.41
CA ASN A 206 14.93 -6.25 -14.15
C ASN A 206 13.59 -6.92 -14.36
N TYR A 207 12.52 -6.19 -14.02
CA TYR A 207 11.15 -6.64 -14.26
C TYR A 207 10.31 -5.51 -14.87
N ALA A 208 9.47 -5.90 -15.84
CA ALA A 208 8.45 -4.98 -16.37
C ALA A 208 7.09 -5.35 -15.76
N PHE A 209 6.27 -4.31 -15.53
CA PHE A 209 4.94 -4.51 -15.01
C PHE A 209 3.87 -3.62 -15.66
N PHE A 210 2.68 -4.18 -15.66
CA PHE A 210 1.52 -3.55 -16.26
C PHE A 210 0.36 -3.71 -15.30
N GLY A 211 -0.54 -2.73 -15.23
CA GLY A 211 -1.71 -2.90 -14.39
C GLY A 211 -2.30 -1.55 -13.95
N TRP A 212 -2.82 -1.53 -12.72
CA TRP A 212 -3.32 -0.30 -12.12
C TRP A 212 -2.79 -0.19 -10.69
N HIS A 213 -2.30 1.00 -10.38
CA HIS A 213 -1.75 1.31 -9.05
C HIS A 213 -1.99 2.78 -8.79
N SER A 214 -2.94 3.12 -7.88
CA SER A 214 -3.27 4.49 -7.56
C SER A 214 -2.68 4.88 -6.20
N PHE A 215 -2.02 6.02 -6.13
CA PHE A 215 -1.57 6.60 -4.89
C PHE A 215 -2.49 7.77 -4.53
N SER A 216 -3.64 7.85 -5.23
CA SER A 216 -4.64 8.88 -5.04
C SER A 216 -5.93 8.25 -4.51
N ASN A 217 -5.87 7.02 -3.96
CA ASN A 217 -7.05 6.36 -3.43
CA ASN A 217 -7.00 6.19 -3.51
C ASN A 217 -8.17 6.25 -4.50
N ASN A 218 -7.85 6.00 -5.79
CA ASN A 218 -8.89 5.76 -6.78
C ASN A 218 -8.90 4.33 -7.26
N ASN A 219 -10.04 3.66 -7.05
CA ASN A 219 -10.30 2.36 -7.60
C ASN A 219 -10.44 2.53 -9.12
N ALA A 220 -10.08 1.49 -9.89
CA ALA A 220 -10.27 1.50 -11.34
C ALA A 220 -10.32 0.10 -11.88
N ASP A 221 -10.89 0.03 -13.08
CA ASP A 221 -10.84 -1.13 -13.92
C ASP A 221 -10.04 -0.77 -15.15
N VAL A 222 -9.00 -1.54 -15.43
CA VAL A 222 -8.20 -1.29 -16.63
C VAL A 222 -8.07 -2.55 -17.42
N TRP A 223 -8.30 -2.47 -18.77
CA TRP A 223 -8.05 -3.59 -19.65
C TRP A 223 -6.84 -3.29 -20.57
N MSE A 224 -6.01 -4.30 -20.85
CA MSE A 224 -4.97 -4.13 -21.84
C MSE A 224 -5.00 -5.33 -22.73
O MSE A 224 -5.45 -6.41 -22.35
CB MSE A 224 -3.64 -3.94 -21.12
CG MSE A 224 -3.54 -2.84 -20.22
SE MSE A 224 -1.66 -2.47 -19.63
CE MSE A 224 -1.98 -1.22 -18.19
H MSE A 224 -6.11 -5.11 -20.43
HA MSE A 224 -5.17 -3.34 -22.37
HB2 MSE A 224 -2.95 -3.83 -21.79
HB3 MSE A 224 -3.44 -4.73 -20.64
HG2 MSE A 224 -4.09 -3.03 -19.43
HG3 MSE A 224 -3.90 -2.04 -20.65
HE1 MSE A 224 -1.13 -0.96 -17.81
HE2 MSE A 224 -2.52 -1.66 -17.51
HE3 MSE A 224 -2.44 -0.44 -18.53
N ASP A 225 -4.43 -5.14 -23.92
CA ASP A 225 -4.31 -6.14 -24.95
C ASP A 225 -3.07 -5.81 -25.82
N ASP A 226 -2.60 -6.84 -26.49
CA ASP A 226 -1.51 -6.74 -27.43
C ASP A 226 -0.32 -6.06 -26.78
N ILE A 227 0.05 -6.57 -25.62
CA ILE A 227 1.19 -6.01 -24.90
C ILE A 227 2.47 -6.42 -25.60
N GLU A 228 3.42 -5.47 -25.65
CA GLU A 228 4.74 -5.75 -26.20
C GLU A 228 5.82 -5.22 -25.29
N ILE A 229 6.94 -5.98 -25.25
CA ILE A 229 8.12 -5.59 -24.51
C ILE A 229 9.32 -5.84 -25.42
N SER A 230 10.21 -4.86 -25.57
CA SER A 230 11.34 -5.06 -26.48
C SER A 230 12.52 -4.22 -26.06
N ASP A 231 13.74 -4.59 -26.49
CA ASP A 231 14.83 -3.65 -26.40
C ASP A 231 15.09 -2.94 -27.73
N GLN A 232 14.23 -3.16 -28.72
CA GLN A 232 14.24 -2.34 -29.91
C GLN A 232 12.95 -1.53 -29.98
N PRO A 233 12.94 -0.36 -30.61
CA PRO A 233 11.73 0.45 -30.67
C PRO A 233 10.47 -0.29 -31.13
N ILE A 234 9.38 0.10 -30.45
CA ILE A 234 8.05 -0.42 -30.67
C ILE A 234 7.19 0.79 -31.07
N SER A 235 6.21 0.53 -31.95
CA SER A 235 5.28 1.54 -32.34
C SER A 235 3.88 0.95 -32.56
N CYS A 236 2.95 1.81 -32.93
CA CYS A 236 1.58 1.43 -33.20
C CYS A 236 1.28 1.44 -34.69
N ASP A 237 0.48 0.50 -35.14
CA ASP A 237 0.03 0.37 -36.53
C ASP A 237 -1.25 1.18 -36.72
N SER A 238 -1.61 1.39 -37.99
CA SER A 238 -2.79 2.22 -38.26
C SER A 238 -4.05 1.69 -37.53
N ARG A 239 -4.25 0.38 -37.46
CA ARG A 239 -5.41 -0.18 -36.79
C ARG A 239 -5.43 0.27 -35.32
N GLU A 240 -4.28 0.13 -34.70
CA GLU A 240 -4.12 0.56 -33.31
C GLU A 240 -4.35 2.05 -33.15
N LEU A 241 -3.99 2.90 -34.12
CA LEU A 241 -4.22 4.34 -34.00
C LEU A 241 -5.70 4.72 -34.13
N GLU A 242 -6.54 3.85 -34.70
CA GLU A 242 -7.99 4.02 -34.84
C GLU A 242 -8.32 5.31 -35.60
N HIS A 243 -7.78 5.50 -36.81
CA HIS A 243 -8.09 6.69 -37.59
C HIS A 243 -9.59 6.63 -37.99
N SER B 3 -3.56 -16.40 31.15
CA SER B 3 -3.44 -17.89 31.12
C SER B 3 -2.69 -18.32 29.87
N LEU B 4 -3.03 -17.92 28.61
CA LEU B 4 -2.22 -18.34 27.44
C LEU B 4 -1.07 -17.42 27.11
N ILE B 5 -1.22 -16.09 27.37
CA ILE B 5 -0.17 -15.12 27.07
C ILE B 5 -0.21 -14.02 28.12
N ASN B 6 0.97 -13.67 28.66
CA ASN B 6 1.03 -12.45 29.46
C ASN B 6 2.37 -11.78 29.25
N PHE B 7 2.43 -10.91 28.24
CA PHE B 7 3.69 -10.45 27.70
C PHE B 7 3.84 -8.98 27.98
N THR B 8 5.08 -8.53 28.26
CA THR B 8 5.35 -7.09 28.34
C THR B 8 6.68 -6.73 27.67
N ASP B 9 6.78 -5.54 27.08
CA ASP B 9 8.06 -5.12 26.52
C ASP B 9 8.20 -3.58 26.65
N GLY B 10 9.28 -3.10 27.29
CA GLY B 10 9.67 -1.72 27.40
C GLY B 10 10.88 -1.38 26.50
N PHE B 11 11.33 -2.32 25.66
CA PHE B 11 12.40 -2.12 24.67
C PHE B 11 13.75 -1.77 25.30
N GLU B 12 13.93 -1.96 26.61
CA GLU B 12 15.15 -1.49 27.28
C GLU B 12 16.38 -2.30 26.91
N SER B 13 16.23 -3.56 26.45
CA SER B 13 17.40 -4.37 26.15
C SER B 13 17.96 -4.23 24.74
N THR B 14 17.23 -3.64 23.79
CA THR B 14 17.63 -3.55 22.42
C THR B 14 18.49 -2.30 22.19
N GLY B 15 19.51 -2.42 21.35
CA GLY B 15 20.33 -1.27 20.96
C GLY B 15 19.53 -0.21 20.19
N VAL B 16 19.97 1.03 20.36
CA VAL B 16 19.34 2.13 19.62
C VAL B 16 19.60 1.99 18.12
N ASN B 17 18.54 2.28 17.37
CA ASN B 17 18.48 2.16 15.91
C ASN B 17 18.31 0.70 15.44
N GLN B 18 18.03 -0.24 16.33
CA GLN B 18 17.82 -1.64 15.94
CA GLN B 18 17.82 -1.64 15.91
C GLN B 18 16.34 -2.00 16.05
N GLN B 19 15.85 -2.93 15.21
CA GLN B 19 14.51 -3.46 15.39
C GLN B 19 14.38 -4.10 16.76
N PRO B 20 13.30 -3.88 17.52
CA PRO B 20 13.12 -4.58 18.79
C PRO B 20 13.37 -6.11 18.82
N SER B 21 14.20 -6.51 19.76
CA SER B 21 14.61 -7.91 19.86
C SER B 21 13.37 -8.74 20.17
N GLY B 22 13.23 -9.84 19.44
CA GLY B 22 12.13 -10.74 19.77
C GLY B 22 10.89 -10.45 18.95
N TRP B 23 10.89 -9.34 18.19
CA TRP B 23 9.77 -9.04 17.33
C TRP B 23 10.14 -9.27 15.88
N GLY B 24 9.12 -9.57 15.04
CA GLY B 24 9.18 -9.39 13.60
C GLY B 24 8.80 -7.96 13.16
N ASN B 25 8.72 -7.78 11.85
CA ASN B 25 8.31 -6.44 11.34
C ASN B 25 7.31 -6.60 10.19
N PHE B 26 6.58 -5.50 9.88
CA PHE B 26 5.86 -5.35 8.64
C PHE B 26 6.09 -3.90 8.22
N VAL B 27 7.01 -3.77 7.27
CA VAL B 27 7.56 -2.48 6.90
C VAL B 27 7.50 -2.40 5.41
N GLY B 28 6.91 -1.31 4.87
CA GLY B 28 6.86 -1.18 3.42
C GLY B 28 6.11 -2.29 2.72
N TRP B 29 5.09 -2.85 3.36
CA TRP B 29 4.18 -3.86 2.87
C TRP B 29 4.86 -5.24 2.80
N GLN B 30 6.00 -5.38 3.46
CA GLN B 30 6.68 -6.67 3.46
C GLN B 30 6.92 -7.13 4.90
N SER B 31 6.54 -8.40 5.16
CA SER B 31 6.78 -9.07 6.41
C SER B 31 8.29 -9.39 6.56
N ASN B 32 8.85 -8.93 7.65
CA ASN B 32 10.24 -9.12 8.00
C ASN B 32 11.08 -8.56 6.88
N ASN B 33 10.66 -7.38 6.42
CA ASN B 33 11.48 -6.62 5.47
C ASN B 33 12.92 -6.60 5.95
N PRO B 34 13.88 -7.10 5.13
CA PRO B 34 15.29 -7.03 5.54
C PRO B 34 15.97 -5.66 5.62
N ASN B 35 15.26 -4.62 5.21
CA ASN B 35 15.75 -3.26 5.05
C ASN B 35 15.05 -2.34 6.03
N ASN B 36 14.78 -2.87 7.23
CA ASN B 36 14.24 -2.09 8.32
C ASN B 36 15.40 -1.52 9.10
N ASN B 37 15.83 -0.33 8.69
CA ASN B 37 17.05 0.28 9.25
C ASN B 37 17.04 1.81 9.08
N ILE B 38 17.94 2.52 9.83
CA ILE B 38 17.91 3.93 10.02
C ILE B 38 18.24 4.70 8.75
N GLY B 39 18.71 3.95 7.77
CA GLY B 39 18.97 4.48 6.44
C GLY B 39 17.71 4.65 5.57
N GLN B 40 16.49 4.24 6.03
CA GLN B 40 15.35 4.16 5.14
C GLN B 40 14.37 5.24 5.57
N SER B 41 13.41 5.57 4.71
CA SER B 41 12.43 6.55 5.10
C SER B 41 11.23 5.94 5.86
N VAL B 42 11.15 4.63 5.92
CA VAL B 42 10.11 3.88 6.63
C VAL B 42 10.73 2.80 7.49
N TYR B 43 10.50 2.83 8.82
CA TYR B 43 11.17 1.91 9.70
C TYR B 43 10.45 1.84 11.04
N ALA B 44 10.85 0.81 11.79
CA ALA B 44 10.39 0.52 13.13
C ALA B 44 11.56 0.11 13.99
N LEU B 45 12.07 1.11 14.74
CA LEU B 45 13.34 0.97 15.40
C LEU B 45 13.32 1.52 16.80
N VAL B 46 14.18 0.91 17.63
CA VAL B 46 14.36 1.42 19.00
C VAL B 46 15.02 2.82 19.02
N ASP B 47 14.51 3.68 19.93
CA ASP B 47 14.87 5.09 20.02
C ASP B 47 15.09 5.46 21.49
N ASN B 48 16.27 6.01 21.80
CA ASN B 48 16.49 6.46 23.18
C ASN B 48 16.35 7.94 23.36
N THR B 49 15.69 8.61 22.42
CA THR B 49 15.49 10.07 22.51
C THR B 49 14.11 10.44 23.08
N ARG B 50 13.22 9.47 23.20
CA ARG B 50 11.90 9.65 23.74
C ARG B 50 11.52 8.33 24.37
N ALA B 51 10.88 8.34 25.55
CA ALA B 51 10.47 7.09 26.21
C ALA B 51 9.45 7.43 27.27
N PHE B 52 8.64 6.44 27.64
CA PHE B 52 7.75 6.63 28.76
C PHE B 52 8.41 6.11 30.04
N THR B 53 9.02 4.92 30.00
CA THR B 53 9.72 4.36 31.15
C THR B 53 11.12 3.98 30.64
N GLY B 54 12.16 4.10 31.48
CA GLY B 54 13.51 3.71 31.14
C GLY B 54 14.13 4.61 30.05
N ASN B 55 15.02 4.03 29.24
CA ASN B 55 15.79 4.76 28.24
C ASN B 55 15.06 4.81 26.89
N ASN B 56 14.26 3.77 26.60
CA ASN B 56 14.00 3.43 25.18
C ASN B 56 12.49 3.35 24.89
N SER B 57 12.14 3.72 23.69
CA SER B 57 10.84 3.41 23.10
C SER B 57 11.07 2.77 21.76
N VAL B 58 9.99 2.26 21.17
CA VAL B 58 10.08 1.94 19.73
C VAL B 58 9.51 3.11 18.92
N HIS B 59 10.19 3.43 17.79
CA HIS B 59 9.84 4.57 16.94
C HIS B 59 9.47 4.05 15.56
N PHE B 60 8.23 4.28 15.21
CA PHE B 60 7.63 4.00 13.90
C PHE B 60 7.64 5.28 13.06
N LYS B 61 8.25 5.16 11.87
CA LYS B 61 8.30 6.24 10.87
C LYS B 61 7.71 5.69 9.56
N GLY B 62 6.52 6.13 9.21
CA GLY B 62 5.89 5.60 8.00
C GLY B 62 4.71 6.49 7.60
N GLY B 63 3.73 5.90 6.92
CA GLY B 63 2.69 6.71 6.31
C GLY B 63 1.76 5.76 5.57
N ALA B 64 1.58 6.03 4.27
CA ALA B 64 0.84 5.11 3.42
C ALA B 64 1.57 3.78 3.38
N ALA B 65 2.91 3.85 3.46
CA ALA B 65 3.71 2.65 3.60
C ALA B 65 3.79 2.28 5.06
N PRO B 66 3.37 1.07 5.50
CA PRO B 66 3.29 0.81 6.94
C PRO B 66 4.64 0.59 7.57
N ALA B 67 4.66 0.95 8.86
CA ALA B 67 5.79 0.69 9.71
C ALA B 67 5.29 0.07 11.01
N GLN B 68 5.57 -1.22 11.18
CA GLN B 68 5.02 -2.02 12.29
C GLN B 68 6.02 -3.06 12.84
N ILE B 69 5.83 -3.40 14.12
CA ILE B 69 6.46 -4.59 14.71
C ILE B 69 5.34 -5.58 14.87
N VAL B 70 5.71 -6.87 14.79
CA VAL B 70 4.70 -7.93 14.76
C VAL B 70 5.12 -9.03 15.70
N ARG B 71 4.18 -9.63 16.41
CA ARG B 71 4.55 -10.75 17.26
C ARG B 71 3.58 -11.92 17.10
N THR B 72 3.99 -13.21 17.24
CA THR B 72 3.01 -14.28 17.12
C THR B 72 2.18 -14.35 18.39
N LEU B 73 1.00 -14.90 18.24
CA LEU B 73 0.14 -15.12 19.37
C LEU B 73 -0.01 -16.65 19.54
N PRO B 74 -0.25 -17.16 20.77
CA PRO B 74 -0.39 -18.63 21.00
C PRO B 74 -1.65 -19.16 20.34
N ALA B 75 -1.57 -20.43 19.91
CA ALA B 75 -2.73 -21.10 19.35
C ALA B 75 -3.85 -21.13 20.40
N GLY B 76 -5.07 -21.05 19.96
CA GLY B 76 -6.19 -21.28 20.86
C GLY B 76 -6.75 -19.98 21.45
N LEU B 77 -6.11 -18.81 21.27
CA LEU B 77 -6.66 -17.63 21.92
C LEU B 77 -8.11 -17.42 21.48
N ASP B 78 -8.95 -17.01 22.40
CA ASP B 78 -10.30 -16.64 22.01
CA ASP B 78 -10.34 -16.67 22.20
C ASP B 78 -10.56 -15.16 22.30
N LYS B 79 -9.59 -14.47 22.91
CA LYS B 79 -9.68 -13.04 23.20
C LYS B 79 -8.28 -12.51 23.45
N VAL B 80 -8.08 -11.19 23.26
CA VAL B 80 -6.77 -10.63 23.51
C VAL B 80 -6.98 -9.17 23.89
N TYR B 81 -6.05 -8.71 24.73
CA TYR B 81 -5.94 -7.31 25.14
C TYR B 81 -4.59 -6.84 24.61
N LEU B 82 -4.62 -5.69 23.88
CA LEU B 82 -3.43 -5.01 23.40
C LEU B 82 -3.33 -3.68 24.14
N LYS B 83 -2.16 -3.40 24.71
CA LYS B 83 -2.02 -2.15 25.46
C LYS B 83 -0.65 -1.54 25.19
N ALA B 84 -0.61 -0.20 25.03
CA ALA B 84 0.68 0.49 24.87
C ALA B 84 0.58 1.96 25.33
N MSE B 85 1.69 2.51 25.81
CA MSE B 85 1.89 3.96 25.89
C MSE B 85 2.24 4.38 24.47
O MSE B 85 3.10 3.77 23.85
CB MSE B 85 2.98 4.29 26.89
CG MSE B 85 2.74 3.74 28.28
SE MSE B 85 1.08 4.29 29.05
CE MSE B 85 1.32 6.20 28.87
H MSE B 85 2.38 1.97 26.08
HA MSE B 85 1.05 4.38 26.17
HB2 MSE B 85 3.06 5.24 26.95
HB3 MSE B 85 3.81 3.95 26.58
HG2 MSE B 85 3.47 4.01 28.87
HG3 MSE B 85 2.75 2.75 28.24
HE1 MSE B 85 0.59 6.67 29.28
HE2 MSE B 85 1.37 6.43 27.93
HE3 MSE B 85 2.16 6.46 29.30
N VAL B 86 1.54 5.42 23.99
CA VAL B 86 1.58 5.83 22.59
C VAL B 86 1.78 7.36 22.56
N TYR B 87 2.67 7.84 21.69
CA TYR B 87 2.93 9.26 21.44
C TYR B 87 2.98 9.48 19.95
N MSE B 88 2.12 10.31 19.42
CA MSE B 88 2.01 10.44 17.97
C MSE B 88 2.19 11.85 17.45
O MSE B 88 1.84 12.82 18.12
CB MSE B 88 0.61 10.00 17.54
CG MSE B 88 0.18 8.65 18.13
SE MSE B 88 -1.63 8.12 17.49
CE MSE B 88 -2.63 9.63 18.15
H MSE B 88 1.59 10.81 19.96
HA MSE B 88 2.68 9.85 17.55
HB2 MSE B 88 0.59 9.93 16.59
HB3 MSE B 88 -0.01 10.66 17.81
HG2 MSE B 88 0.17 8.71 19.11
HG3 MSE B 88 0.83 7.96 17.87
HE1 MSE B 88 -3.57 9.53 17.92
HE2 MSE B 88 -2.29 10.44 17.74
HE3 MSE B 88 -2.53 9.69 19.11
N SER B 89 2.74 11.96 16.24
CA SER B 89 2.95 13.26 15.60
C SER B 89 1.66 13.93 15.10
N LYS B 90 0.55 13.20 14.97
CA LYS B 90 -0.73 13.75 14.55
C LYS B 90 -1.79 13.06 15.42
N LYS B 91 -3.01 13.55 15.36
CA LYS B 91 -4.08 12.98 16.17
C LYS B 91 -4.82 11.89 15.41
N LEU B 92 -5.61 11.18 16.19
CA LEU B 92 -6.66 10.33 15.69
C LEU B 92 -8.00 10.80 16.25
N GLY B 93 -9.04 10.76 15.39
CA GLY B 93 -10.34 11.20 15.89
C GLY B 93 -10.68 12.65 15.53
N ASN B 94 -11.98 12.91 15.30
CA ASN B 94 -12.53 14.27 15.03
C ASN B 94 -11.76 14.90 13.88
N GLU B 95 -11.61 14.16 12.76
CA GLU B 95 -10.75 14.64 11.71
C GLU B 95 -11.49 14.59 10.37
N ALA B 96 -11.82 15.79 9.81
CA ALA B 96 -12.42 15.85 8.49
C ALA B 96 -11.50 15.29 7.44
N GLY B 97 -12.07 14.59 6.46
CA GLY B 97 -11.34 14.17 5.27
C GLY B 97 -10.55 12.84 5.40
N ASP B 98 -10.50 12.28 6.60
CA ASP B 98 -9.81 11.02 6.86
C ASP B 98 -10.49 9.87 6.12
N ASN B 99 -9.66 8.90 5.68
CA ASN B 99 -10.12 7.68 5.06
C ASN B 99 -10.15 6.61 6.19
N HIS B 100 -8.94 6.22 6.59
CA HIS B 100 -8.69 5.44 7.80
C HIS B 100 -7.21 5.25 8.07
N GLU B 101 -6.92 5.19 9.35
CA GLU B 101 -5.53 5.04 9.85
C GLU B 101 -5.49 4.21 11.14
N HIS B 102 -4.45 3.39 11.40
CA HIS B 102 -4.47 2.56 12.62
C HIS B 102 -3.07 2.34 13.21
N ILE B 103 -3.09 2.16 14.54
CA ILE B 103 -1.95 1.95 15.39
C ILE B 103 -1.84 0.53 15.91
N PHE B 104 -2.96 -0.11 16.19
CA PHE B 104 -2.98 -1.42 16.83
C PHE B 104 -3.69 -2.38 15.87
N GLY B 105 -3.32 -3.70 15.86
CA GLY B 105 -4.18 -4.61 15.15
C GLY B 105 -3.79 -6.07 15.44
N VAL B 106 -4.60 -6.99 14.87
CA VAL B 106 -4.23 -8.38 14.83
C VAL B 106 -4.42 -8.85 13.39
N ARG B 107 -3.61 -9.81 12.99
CA ARG B 107 -3.69 -10.33 11.63
C ARG B 107 -3.61 -11.88 11.62
N GLY B 108 -4.22 -12.45 10.58
CA GLY B 108 -4.31 -13.91 10.39
C GLY B 108 -3.11 -14.48 9.63
N ASN B 109 -2.56 -13.72 8.72
CA ASN B 109 -1.48 -14.24 7.88
C ASN B 109 -0.32 -13.26 7.85
N VAL B 110 0.87 -13.73 8.20
CA VAL B 110 1.99 -12.87 8.49
C VAL B 110 2.36 -12.02 7.25
N ALA B 111 2.19 -12.59 6.04
CA ALA B 111 2.76 -11.97 4.83
C ALA B 111 1.94 -10.80 4.27
N GLN B 112 0.69 -10.64 4.72
CA GLN B 112 -0.23 -9.70 4.11
C GLN B 112 -1.03 -8.89 5.14
N ALA B 113 -1.47 -7.70 4.71
CA ALA B 113 -2.34 -6.84 5.53
C ALA B 113 -3.80 -6.97 5.08
N ASP B 114 -4.10 -8.18 4.72
CA ASP B 114 -5.21 -8.50 3.86
C ASP B 114 -6.35 -9.15 4.65
N ASN B 115 -5.96 -9.52 5.89
CA ASN B 115 -6.80 -10.29 6.79
C ASN B 115 -6.53 -9.93 8.24
N GLU B 116 -7.21 -8.88 8.69
CA GLU B 116 -6.77 -8.20 9.92
C GLU B 116 -7.83 -7.22 10.46
N VAL B 117 -7.67 -6.90 11.75
CA VAL B 117 -8.52 -5.94 12.42
C VAL B 117 -7.57 -4.79 12.78
N ARG B 118 -7.96 -3.56 12.36
CA ARG B 118 -7.18 -2.33 12.40
C ARG B 118 -7.86 -1.31 13.34
N PHE B 119 -7.21 -1.01 14.44
CA PHE B 119 -7.76 -0.03 15.35
C PHE B 119 -6.94 1.27 15.31
N GLY B 120 -7.68 2.36 15.07
CA GLY B 120 -7.14 3.70 15.21
C GLY B 120 -8.26 4.71 14.97
N GLN B 121 -8.41 5.12 13.69
CA GLN B 121 -9.60 5.92 13.25
C GLN B 121 -10.09 5.38 11.91
N ILE B 122 -11.38 5.48 11.67
CA ILE B 122 -12.01 5.28 10.36
C ILE B 122 -12.86 6.53 10.07
N LYS B 123 -12.73 7.07 8.85
CA LYS B 123 -13.49 8.23 8.42
C LYS B 123 -13.53 9.25 9.54
N GLY B 124 -12.34 9.49 10.09
CA GLY B 124 -12.11 10.50 11.11
C GLY B 124 -12.86 10.39 12.43
N HIS B 125 -13.19 9.15 12.86
CA HIS B 125 -13.70 8.85 14.17
C HIS B 125 -12.91 7.64 14.70
N VAL B 126 -12.44 7.69 15.94
CA VAL B 126 -11.74 6.56 16.51
C VAL B 126 -12.58 5.31 16.25
N GLY B 127 -11.91 4.20 15.89
CA GLY B 127 -12.65 3.02 15.45
C GLY B 127 -11.80 2.08 14.60
N THR B 128 -12.55 1.19 13.92
CA THR B 128 -11.96 -0.06 13.46
C THR B 128 -12.30 -0.32 11.99
N ASN B 129 -11.37 -0.93 11.27
CA ASN B 129 -11.51 -1.38 9.87
C ASN B 129 -11.17 -2.86 9.89
N GLU B 130 -12.00 -3.69 9.23
CA GLU B 130 -11.69 -5.09 9.11
C GLU B 130 -11.42 -5.39 7.66
N MSE B 131 -10.40 -6.24 7.49
CA MSE B 131 -10.12 -6.79 6.17
C MSE B 131 -10.20 -8.31 6.28
O MSE B 131 -9.80 -8.91 7.31
CB MSE B 131 -8.71 -6.43 5.67
CG MSE B 131 -8.53 -5.01 5.15
SE MSE B 131 -9.58 -4.62 3.55
CE MSE B 131 -8.37 -5.65 2.39
HA MSE B 131 -10.79 -6.47 5.54
HB2 MSE B 131 -8.48 -7.03 4.96
HB3 MSE B 131 -8.10 -6.56 6.38
HG2 MSE B 131 -7.59 -4.86 4.94
HG3 MSE B 131 -8.78 -4.37 5.85
HE1 MSE B 131 -8.68 -5.59 1.47
HE2 MSE B 131 -8.37 -6.58 2.68
HE3 MSE B 131 -7.47 -5.29 2.46
N PRO B 132 -10.72 -9.03 5.25
CA PRO B 132 -11.02 -8.48 3.92
C PRO B 132 -12.36 -7.82 3.56
N SER B 133 -13.27 -7.67 4.53
CA SER B 133 -14.55 -7.06 4.24
C SER B 133 -14.40 -5.59 3.83
N ASP B 134 -13.41 -4.93 4.47
CA ASP B 134 -13.25 -3.48 4.40
C ASP B 134 -14.39 -2.75 5.09
N ASP B 135 -15.12 -3.46 5.95
CA ASP B 135 -16.14 -2.76 6.71
C ASP B 135 -15.45 -1.89 7.79
N ILE B 136 -16.23 -0.96 8.34
CA ILE B 136 -15.75 0.01 9.32
C ILE B 136 -16.80 0.30 10.37
N SER B 137 -16.32 0.65 11.62
CA SER B 137 -17.17 0.98 12.71
C SER B 137 -16.52 2.14 13.44
N PRO B 138 -17.22 3.22 13.80
CA PRO B 138 -18.68 3.28 13.74
C PRO B 138 -19.36 3.54 12.38
N PRO B 139 -20.73 3.53 12.32
CA PRO B 139 -21.42 3.91 11.10
C PRO B 139 -21.30 5.43 10.75
N GLN B 140 -21.71 5.75 9.55
CA GLN B 140 -21.48 7.01 8.89
C GLN B 140 -22.03 8.19 9.67
N SER B 141 -23.11 8.00 10.41
CA SER B 141 -23.71 9.02 11.26
C SER B 141 -22.65 9.65 12.15
N GLN B 142 -21.58 8.91 12.54
CA GLN B 142 -20.63 9.44 13.51
C GLN B 142 -19.30 9.91 12.90
N TRP B 143 -19.13 9.76 11.60
CA TRP B 143 -17.84 10.05 10.96
C TRP B 143 -17.40 11.49 11.22
N TYR B 144 -16.08 11.70 11.21
CA TYR B 144 -15.42 13.02 11.27
C TYR B 144 -15.77 13.77 12.55
N SER B 145 -15.89 13.07 13.67
CA SER B 145 -16.34 13.64 14.93
C SER B 145 -15.81 12.75 16.06
N GLY B 146 -16.30 12.99 17.28
CA GLY B 146 -16.07 12.10 18.38
C GLY B 146 -14.79 12.42 19.12
N PRO B 147 -14.41 11.53 20.03
CA PRO B 147 -13.27 11.81 20.91
C PRO B 147 -11.96 11.83 20.11
N GLU B 148 -11.03 12.60 20.61
CA GLU B 148 -9.71 12.82 20.02
C GLU B 148 -8.66 12.09 20.87
N ILE B 149 -7.70 11.48 20.18
CA ILE B 149 -6.48 11.01 20.73
C ILE B 149 -5.45 12.00 20.24
N ALA B 150 -5.09 12.95 21.11
CA ALA B 150 -4.34 14.11 20.62
C ALA B 150 -2.89 13.78 20.23
N ALA B 151 -2.34 14.62 19.32
CA ALA B 151 -0.90 14.56 19.03
C ALA B 151 -0.07 15.13 20.17
N ASP B 152 1.21 14.73 20.19
CA ASP B 152 2.29 15.30 20.96
C ASP B 152 2.13 15.12 22.47
N THR B 153 1.62 13.98 22.93
CA THR B 153 1.52 13.72 24.35
C THR B 153 1.38 12.21 24.51
N TRP B 154 1.75 11.72 25.66
CA TRP B 154 1.74 10.27 25.93
C TRP B 154 0.35 9.85 26.35
N HIS B 155 -0.16 8.76 25.73
CA HIS B 155 -1.46 8.21 26.03
C HIS B 155 -1.37 6.74 26.37
N CYS B 156 -2.26 6.26 27.21
CA CYS B 156 -2.35 4.83 27.55
C CYS B 156 -3.58 4.24 26.80
N VAL B 157 -3.29 3.48 25.76
CA VAL B 157 -4.36 2.96 24.90
C VAL B 157 -4.48 1.46 25.08
N VAL B 158 -5.70 0.98 25.31
CA VAL B 158 -5.99 -0.44 25.52
C VAL B 158 -7.15 -0.87 24.60
N VAL B 159 -6.96 -1.98 23.92
CA VAL B 159 -8.02 -2.53 23.08
C VAL B 159 -8.29 -3.97 23.55
N GLU B 160 -9.55 -4.23 23.88
CA GLU B 160 -10.09 -5.55 24.19
C GLU B 160 -10.82 -6.16 22.97
N MSE B 161 -10.43 -7.33 22.56
CA MSE B 161 -11.11 -8.07 21.47
C MSE B 161 -11.57 -9.45 22.02
O MSE B 161 -10.81 -10.29 22.59
CB MSE B 161 -10.11 -8.28 20.36
CG MSE B 161 -9.62 -6.98 19.76
SE MSE B 161 -8.51 -7.43 18.17
CE MSE B 161 -7.55 -5.71 18.01
H MSE B 161 -9.69 -7.71 22.95
HA MSE B 161 -11.88 -7.56 21.15
HB2 MSE B 161 -10.51 -8.80 19.66
HB3 MSE B 161 -9.35 -8.76 20.69
HG2 MSE B 161 -9.08 -6.49 20.42
HG3 MSE B 161 -10.38 -6.42 19.49
HE1 MSE B 161 -6.96 -5.74 17.23
HE2 MSE B 161 -7.02 -5.57 18.82
HE3 MSE B 161 -8.19 -4.99 17.91
N LEU B 162 -12.89 -9.62 21.95
CA LEU B 162 -13.59 -10.76 22.55
C LEU B 162 -14.17 -11.65 21.41
N GLY B 163 -13.54 -12.77 21.17
CA GLY B 163 -13.90 -13.70 20.09
C GLY B 163 -14.39 -15.02 20.72
N GLY B 164 -14.10 -16.13 20.05
CA GLY B 164 -14.39 -17.47 20.59
C GLY B 164 -15.92 -17.68 20.65
N ASN B 165 -16.36 -18.48 21.64
CA ASN B 165 -17.72 -18.98 21.68
C ASN B 165 -18.63 -17.98 22.38
N ARG B 166 -19.07 -16.99 21.65
CA ARG B 166 -20.07 -16.02 22.08
C ARG B 166 -20.89 -15.67 20.86
N PRO B 167 -22.11 -15.12 21.03
CA PRO B 167 -23.00 -14.93 19.89
C PRO B 167 -22.52 -13.90 18.87
N TYR B 168 -21.78 -12.93 19.40
CA TYR B 168 -21.31 -11.81 18.60
C TYR B 168 -19.96 -11.35 19.15
N HIS B 169 -18.94 -11.38 18.27
CA HIS B 169 -17.60 -10.93 18.62
C HIS B 169 -17.60 -9.42 18.87
N GLN B 170 -16.81 -9.04 19.86
CA GLN B 170 -16.86 -7.67 20.33
C GLN B 170 -15.48 -7.03 20.41
N LEU B 171 -15.44 -5.66 20.40
CA LEU B 171 -14.17 -4.95 20.55
C LEU B 171 -14.49 -3.72 21.35
N HIS B 172 -13.63 -3.42 22.31
CA HIS B 172 -13.80 -2.18 23.11
C HIS B 172 -12.44 -1.52 23.21
N ALA B 173 -12.41 -0.21 22.89
CA ALA B 173 -11.18 0.56 22.98
C ALA B 173 -11.27 1.71 23.99
N TYR B 174 -10.14 1.90 24.66
CA TYR B 174 -10.04 2.78 25.85
C TYR B 174 -8.81 3.68 25.75
N LEU B 175 -9.05 4.96 26.21
CA LEU B 175 -7.99 5.93 26.34
C LEU B 175 -7.91 6.33 27.81
N ASP B 176 -6.76 6.09 28.43
CA ASP B 176 -6.62 6.42 29.88
C ASP B 176 -7.81 5.89 30.72
N ASN B 177 -8.19 4.63 30.48
CA ASN B 177 -9.25 3.89 31.13
C ASN B 177 -10.68 4.45 30.83
N GLN B 178 -10.89 5.31 29.82
CA GLN B 178 -12.24 5.73 29.42
C GLN B 178 -12.56 5.05 28.08
N LEU B 179 -13.74 4.46 28.03
CA LEU B 179 -14.23 3.81 26.84
C LEU B 179 -14.48 4.84 25.75
N ILE B 180 -13.84 4.66 24.58
CA ILE B 180 -13.93 5.64 23.45
C ILE B 180 -14.53 5.01 22.21
N HIS B 181 -14.63 3.66 22.15
CA HIS B 181 -15.16 3.00 20.98
C HIS B 181 -15.63 1.57 21.32
N SER B 182 -16.77 1.14 20.77
CA SER B 182 -17.31 -0.17 21.04
C SER B 182 -17.90 -0.77 19.78
N ILE B 183 -17.70 -2.08 19.58
CA ILE B 183 -18.37 -2.90 18.59
C ILE B 183 -19.04 -4.05 19.39
N ASP B 184 -20.35 -3.86 19.67
CA ASP B 184 -21.19 -4.75 20.48
C ASP B 184 -22.18 -5.56 19.64
N SER B 185 -22.60 -5.09 18.47
CA SER B 185 -23.63 -5.81 17.72
C SER B 185 -23.46 -5.43 16.26
N ILE B 186 -24.21 -6.07 15.37
CA ILE B 186 -24.00 -5.93 13.94
C ILE B 186 -24.27 -4.52 13.43
N SER B 187 -25.14 -3.78 14.14
CA SER B 187 -25.50 -2.44 13.74
C SER B 187 -24.37 -1.45 14.04
N ASP B 188 -23.28 -1.84 14.74
CA ASP B 188 -22.14 -0.97 14.94
C ASP B 188 -21.27 -0.80 13.69
N TRP B 189 -21.51 -1.65 12.66
CA TRP B 189 -20.72 -1.63 11.42
C TRP B 189 -21.45 -0.77 10.40
N ASN B 190 -20.72 -0.15 9.50
CA ASN B 190 -21.35 0.70 8.50
C ASN B 190 -21.99 -0.10 7.38
N ASN B 191 -21.32 -1.17 6.91
CA ASN B 191 -21.61 -1.76 5.59
C ASN B 191 -22.25 -3.14 5.70
N GLY B 192 -23.00 -3.42 6.76
CA GLY B 192 -23.73 -4.67 6.81
C GLY B 192 -23.07 -5.70 7.74
N GLY B 193 -21.95 -5.29 8.39
CA GLY B 193 -21.39 -6.08 9.46
C GLY B 193 -20.51 -7.21 8.95
N VAL B 194 -19.42 -6.84 8.34
CA VAL B 194 -18.42 -7.84 7.97
C VAL B 194 -19.07 -9.00 7.17
N ASN B 195 -19.97 -8.61 6.27
CA ASN B 195 -20.61 -9.54 5.33
C ASN B 195 -21.44 -10.54 6.10
N GLY B 196 -22.03 -10.02 7.17
CA GLY B 196 -22.89 -10.78 8.07
C GLY B 196 -22.18 -11.78 8.99
N ASN B 197 -20.85 -11.76 9.11
CA ASN B 197 -20.19 -12.72 9.96
C ASN B 197 -20.19 -12.23 11.42
N THR B 198 -20.95 -12.93 12.28
CA THR B 198 -21.00 -12.61 13.70
C THR B 198 -19.67 -12.97 14.38
N GLN B 199 -18.97 -13.95 13.83
CA GLN B 199 -17.76 -14.49 14.43
C GLN B 199 -16.50 -13.90 13.76
N TRP B 200 -16.51 -12.56 13.69
CA TRP B 200 -15.60 -11.85 12.82
C TRP B 200 -14.21 -11.76 13.39
N LEU B 201 -13.93 -12.20 14.64
CA LEU B 201 -12.54 -12.34 15.03
C LEU B 201 -11.94 -13.71 14.64
N ASP B 202 -12.77 -14.64 14.13
CA ASP B 202 -12.20 -15.96 13.88
C ASP B 202 -11.09 -15.90 12.84
N GLY B 203 -9.98 -16.61 13.13
CA GLY B 203 -8.85 -16.61 12.23
C GLY B 203 -7.97 -15.34 12.30
N LYS B 204 -8.28 -14.40 13.19
CA LYS B 204 -7.62 -13.08 13.16
C LYS B 204 -6.56 -13.02 14.25
N LEU B 205 -6.54 -13.97 15.23
CA LEU B 205 -5.71 -13.81 16.42
C LEU B 205 -4.41 -14.64 16.30
N ASN B 206 -3.75 -14.62 15.13
CA ASN B 206 -2.49 -15.33 14.91
C ASN B 206 -1.26 -14.47 15.19
N TYR B 207 -1.35 -13.14 15.00
CA TYR B 207 -0.26 -12.18 15.25
C TYR B 207 -0.83 -10.83 15.75
N ALA B 208 -0.12 -10.22 16.71
CA ALA B 208 -0.42 -8.88 17.10
C ALA B 208 0.55 -7.96 16.38
N PHE B 209 0.09 -6.74 16.13
CA PHE B 209 0.97 -5.77 15.50
C PHE B 209 0.71 -4.37 16.01
N PHE B 210 1.76 -3.55 15.97
CA PHE B 210 1.71 -2.17 16.44
C PHE B 210 2.54 -1.32 15.51
N GLY B 211 2.12 -0.10 15.26
CA GLY B 211 2.92 0.86 14.53
C GLY B 211 2.05 1.99 13.99
N TRP B 212 2.40 2.41 12.74
CA TRP B 212 1.69 3.40 11.99
C TRP B 212 1.39 2.92 10.57
N HIS B 213 0.15 3.04 10.20
CA HIS B 213 -0.31 2.66 8.84
C HIS B 213 -1.46 3.56 8.45
N SER B 214 -1.23 4.48 7.49
CA SER B 214 -2.24 5.43 7.07
C SER B 214 -2.81 4.98 5.72
N PHE B 215 -4.14 5.00 5.56
CA PHE B 215 -4.83 4.94 4.29
C PHE B 215 -5.39 6.31 3.89
N SER B 216 -4.85 7.35 4.50
CA SER B 216 -5.21 8.75 4.29
C SER B 216 -3.99 9.57 3.80
N ASN B 217 -2.99 8.87 3.29
CA ASN B 217 -1.74 9.42 2.81
C ASN B 217 -1.15 10.44 3.76
N ASN B 218 -1.12 10.09 5.04
CA ASN B 218 -0.43 10.94 6.01
C ASN B 218 0.80 10.25 6.63
N ASN B 219 1.97 10.90 6.42
CA ASN B 219 3.16 10.56 7.14
C ASN B 219 3.00 10.86 8.63
N ALA B 220 3.57 9.97 9.44
CA ALA B 220 3.64 10.17 10.88
C ALA B 220 4.88 9.55 11.47
N ASP B 221 5.18 10.01 12.69
CA ASP B 221 6.11 9.37 13.60
C ASP B 221 5.31 9.03 14.84
N VAL B 222 5.44 7.80 15.27
CA VAL B 222 4.75 7.31 16.46
C VAL B 222 5.75 6.60 17.34
N TRP B 223 5.73 6.93 18.65
CA TRP B 223 6.57 6.23 19.61
C TRP B 223 5.66 5.40 20.53
N MSE B 224 6.08 4.19 20.85
CA MSE B 224 5.36 3.40 21.84
C MSE B 224 6.32 2.81 22.87
O MSE B 224 7.53 2.58 22.62
CB MSE B 224 4.49 2.31 21.20
CG MSE B 224 3.48 2.83 20.35
SE MSE B 224 2.36 1.31 19.73
CE MSE B 224 1.44 2.13 18.16
H MSE B 224 6.82 3.84 20.46
HA MSE B 224 4.76 4.00 22.32
HB2 MSE B 224 4.08 1.81 21.88
HB3 MSE B 224 5.05 1.73 20.68
HG2 MSE B 224 3.87 3.28 19.57
HG3 MSE B 224 2.92 3.47 20.84
HE1 MSE B 224 0.85 1.48 17.76
HE2 MSE B 224 2.11 2.40 17.51
HE3 MSE B 224 0.94 2.90 18.45
N ASP B 225 5.81 2.61 24.09
CA ASP B 225 6.54 2.00 25.19
C ASP B 225 5.57 1.18 26.03
N ASP B 226 6.16 0.34 26.89
CA ASP B 226 5.45 -0.43 27.85
C ASP B 226 4.24 -1.12 27.22
N ILE B 227 4.52 -1.88 26.17
CA ILE B 227 3.52 -2.69 25.50
C ILE B 227 3.17 -3.87 26.41
N GLU B 228 1.87 -4.16 26.51
CA GLU B 228 1.43 -5.41 27.13
C GLU B 228 0.48 -6.14 26.19
N ILE B 229 0.55 -7.46 26.16
CA ILE B 229 -0.39 -8.28 25.41
C ILE B 229 -0.75 -9.45 26.31
N SER B 230 -2.05 -9.63 26.56
CA SER B 230 -2.53 -10.63 27.47
C SER B 230 -3.89 -11.19 27.01
N ASP B 231 -4.22 -12.42 27.43
CA ASP B 231 -5.61 -12.86 27.28
C ASP B 231 -6.43 -12.49 28.52
N GLN B 232 -5.82 -11.83 29.51
CA GLN B 232 -6.56 -11.31 30.65
C GLN B 232 -6.50 -9.80 30.63
N PRO B 233 -7.55 -9.16 31.15
CA PRO B 233 -7.64 -7.73 30.97
C PRO B 233 -6.45 -6.93 31.48
N ILE B 234 -6.22 -5.77 30.85
CA ILE B 234 -5.19 -4.83 31.16
C ILE B 234 -5.82 -3.44 31.28
N SER B 235 -5.25 -2.60 32.16
CA SER B 235 -5.65 -1.19 32.24
C SER B 235 -4.50 -0.31 32.65
N CYS B 236 -4.72 0.99 32.71
CA CYS B 236 -3.63 1.93 32.95
C CYS B 236 -3.49 2.17 34.44
N ASP B 237 -2.24 2.20 34.90
CA ASP B 237 -1.96 2.40 36.33
C ASP B 237 -1.77 3.87 36.65
N SER B 238 -1.49 4.13 37.95
CA SER B 238 -1.43 5.50 38.44
C SER B 238 -0.40 6.37 37.69
N ARG B 239 0.76 5.82 37.35
CA ARG B 239 1.82 6.52 36.67
C ARG B 239 1.45 6.80 35.19
N GLU B 240 0.71 5.89 34.59
CA GLU B 240 0.29 5.99 33.19
C GLU B 240 -0.79 7.06 32.96
N LEU B 241 -1.60 7.31 33.99
CA LEU B 241 -2.67 8.30 33.96
C LEU B 241 -2.13 9.70 34.25
N GLU B 242 -1.05 9.88 35.06
CA GLU B 242 0.05 10.86 34.86
C GLU B 242 0.11 11.80 36.05
CA CA C . -6.46 -10.16 -27.35
MG MG D . -7.59 5.22 -29.42
MG MG E . 2.62 -4.46 -32.63
C1 EDO F . 20.10 -0.55 -16.50
O1 EDO F . 20.81 -0.23 -15.30
C2 EDO F . 20.22 0.52 -17.56
O2 EDO F . 20.73 1.77 -17.13
H11 EDO F . 19.15 -0.68 -16.29
H12 EDO F . 20.45 -1.39 -16.86
HO1 EDO F . 20.73 -0.80 -14.72
H21 EDO F . 19.34 0.66 -17.95
H22 EDO F . 20.81 0.17 -18.26
HO2 EDO F . 20.84 1.77 -16.29
C1 EDO G . 2.83 5.07 -38.56
O1 EDO G . 3.86 5.29 -37.68
C2 EDO G . 2.33 3.67 -38.64
O2 EDO G . 2.92 2.82 -37.72
H11 EDO G . 3.13 5.34 -39.45
H12 EDO G . 2.09 5.65 -38.30
HO1 EDO G . 4.04 6.24 -37.78
H21 EDO G . 2.48 3.33 -39.54
H22 EDO G . 1.36 3.67 -38.48
HO2 EDO G . 3.57 3.21 -37.34
CA CA H . 11.04 1.85 27.77
MG MG I . -1.46 10.88 28.85
MG MG J . 0.71 -2.24 33.32
C1 EDO K . 16.41 -6.15 10.92
O1 EDO K . 16.68 -4.79 11.11
C2 EDO K . 15.44 -6.36 9.81
O2 EDO K . 15.38 -5.40 8.73
H11 EDO K . 16.03 -6.52 11.76
H12 EDO K . 17.24 -6.62 10.73
HO1 EDO K . 17.16 -4.70 11.79
H21 EDO K . 14.54 -6.42 10.20
H22 EDO K . 15.64 -7.23 9.41
HO2 EDO K . 16.11 -4.97 8.70
C1 EDO L . -11.08 -16.15 18.09
O1 EDO L . -12.39 -16.15 17.59
C2 EDO L . -9.98 -16.77 17.30
O2 EDO L . -10.32 -17.51 16.08
H11 EDO L . -11.11 -16.63 18.95
H12 EDO L . -10.83 -15.23 18.27
HO1 EDO L . -12.92 -15.83 18.17
H21 EDO L . -9.49 -17.38 17.89
H22 EDO L . -9.36 -16.05 17.05
HO2 EDO L . -11.01 -17.96 16.21
#